data_6R9Z
#
_entry.id   6R9Z
#
_entity_poly.entity_id   1
_entity_poly.type   'polypeptide(L)'
_entity_poly.pdbx_seq_one_letter_code
;(ACE)EVNPPVP(NH2)
;
_entity_poly.pdbx_strand_id   A
#
# COMPACT_ATOMS: atom_id res chain seq x y z
N GLU A 2 3.29 3.35 -9.05
CA GLU A 2 2.12 3.68 -8.24
C GLU A 2 2.45 3.58 -6.75
N VAL A 3 1.46 3.86 -5.91
CA VAL A 3 1.65 3.81 -4.47
C VAL A 3 0.35 3.40 -3.76
N ASN A 4 0.48 2.55 -2.76
CA ASN A 4 -0.68 2.08 -1.99
C ASN A 4 -0.38 2.06 -0.50
N PRO A 5 -1.44 2.05 0.31
CA PRO A 5 -1.31 2.03 1.78
C PRO A 5 -0.80 0.69 2.29
N PRO A 6 -0.41 0.66 3.57
CA PRO A 6 0.10 -0.55 4.21
C PRO A 6 -0.96 -1.62 4.40
N VAL A 7 -0.88 -2.69 3.63
CA VAL A 7 -1.86 -3.78 3.71
C VAL A 7 -1.16 -5.14 3.66
N PRO A 8 -0.45 -5.48 4.74
CA PRO A 8 0.27 -6.75 4.84
C PRO A 8 -0.67 -7.95 4.95
N GLU A 2 2.69 4.20 -8.94
CA GLU A 2 1.95 3.07 -8.39
C GLU A 2 2.34 2.84 -6.93
N VAL A 3 1.48 3.29 -6.02
CA VAL A 3 1.73 3.13 -4.59
C VAL A 3 0.45 2.82 -3.84
N ASN A 4 0.54 1.90 -2.89
CA ASN A 4 -0.62 1.51 -2.09
C ASN A 4 -0.34 1.66 -0.60
N PRO A 5 -1.40 1.74 0.21
CA PRO A 5 -1.30 1.89 1.65
C PRO A 5 -0.76 0.63 2.33
N PRO A 6 -0.39 0.76 3.62
CA PRO A 6 0.14 -0.36 4.40
C PRO A 6 -0.92 -1.41 4.71
N VAL A 7 -1.05 -2.39 3.82
CA VAL A 7 -2.01 -3.46 4.00
C VAL A 7 -1.39 -4.83 3.73
N PRO A 8 -0.55 -5.29 4.66
CA PRO A 8 0.13 -6.58 4.54
C PRO A 8 -0.83 -7.76 4.68
N GLU A 2 2.23 3.96 -8.45
CA GLU A 2 1.44 2.77 -8.15
C GLU A 2 1.56 2.39 -6.69
N VAL A 3 1.76 3.40 -5.84
CA VAL A 3 1.90 3.16 -4.40
C VAL A 3 0.61 2.62 -3.81
N ASN A 4 0.64 2.32 -2.50
CA ASN A 4 -0.53 1.79 -1.82
C ASN A 4 -0.38 1.92 -0.31
N PRO A 5 -1.52 1.87 0.41
CA PRO A 5 -1.53 1.98 1.87
C PRO A 5 -0.92 0.75 2.55
N PRO A 6 -0.67 0.88 3.86
CA PRO A 6 -0.08 -0.20 4.65
C PRO A 6 -1.04 -1.37 4.85
N VAL A 7 -1.06 -2.28 3.89
CA VAL A 7 -1.94 -3.44 3.96
C VAL A 7 -1.20 -4.71 3.57
N PRO A 8 -0.32 -5.18 4.47
CA PRO A 8 0.47 -6.40 4.24
C PRO A 8 -0.38 -7.67 4.27
N GLU A 2 3.40 2.43 -8.18
CA GLU A 2 2.05 2.37 -7.65
C GLU A 2 2.04 2.67 -6.15
N VAL A 3 1.36 3.75 -5.78
CA VAL A 3 1.27 4.15 -4.38
C VAL A 3 0.03 3.56 -3.72
N ASN A 4 0.21 2.98 -2.53
CA ASN A 4 -0.90 2.39 -1.80
C ASN A 4 -0.60 2.33 -0.30
N PRO A 5 -1.66 2.20 0.51
CA PRO A 5 -1.53 2.13 1.97
C PRO A 5 -0.89 0.82 2.43
N PRO A 6 -0.50 0.76 3.71
CA PRO A 6 0.13 -0.41 4.30
C PRO A 6 -0.84 -1.57 4.45
N VAL A 7 -0.86 -2.46 3.47
CA VAL A 7 -1.74 -3.62 3.48
C VAL A 7 -0.96 -4.91 3.27
N PRO A 8 -0.21 -5.33 4.29
CA PRO A 8 0.60 -6.56 4.23
C PRO A 8 -0.26 -7.81 4.23
N GLU A 2 2.55 3.91 -8.59
CA GLU A 2 1.41 3.12 -8.12
C GLU A 2 1.55 2.76 -6.65
N VAL A 3 1.83 3.76 -5.83
CA VAL A 3 2.00 3.55 -4.39
C VAL A 3 0.68 3.13 -3.75
N ASN A 4 0.77 2.18 -2.81
CA ASN A 4 -0.41 1.68 -2.11
C ASN A 4 -0.24 1.81 -0.60
N PRO A 5 -1.37 1.79 0.12
CA PRO A 5 -1.38 1.89 1.57
C PRO A 5 -0.80 0.66 2.26
N PRO A 6 -0.53 0.77 3.57
CA PRO A 6 0.03 -0.32 4.36
C PRO A 6 -0.97 -1.46 4.56
N VAL A 7 -0.93 -2.43 3.67
CA VAL A 7 -1.84 -3.58 3.75
C VAL A 7 -1.06 -4.89 3.73
N PRO A 8 -0.37 -5.18 4.83
CA PRO A 8 0.42 -6.41 4.98
C PRO A 8 -0.45 -7.66 5.08
N GLU A 2 2.67 3.98 -9.28
CA GLU A 2 1.53 3.51 -8.48
C GLU A 2 1.93 3.34 -7.02
N VAL A 3 1.03 3.73 -6.12
CA VAL A 3 1.29 3.63 -4.68
C VAL A 3 0.03 3.24 -3.93
N ASN A 4 0.18 2.40 -2.91
CA ASN A 4 -0.94 1.96 -2.10
C ASN A 4 -0.60 1.99 -0.62
N PRO A 5 -1.64 2.01 0.23
CA PRO A 5 -1.48 2.04 1.69
C PRO A 5 -0.93 0.72 2.23
N PRO A 6 -0.50 0.74 3.51
CA PRO A 6 0.04 -0.44 4.18
C PRO A 6 -1.01 -1.50 4.44
N VAL A 7 -0.96 -2.58 3.67
CA VAL A 7 -1.92 -3.67 3.82
C VAL A 7 -1.25 -5.02 3.63
N PRO A 8 -0.43 -5.43 4.61
CA PRO A 8 0.29 -6.70 4.57
C PRO A 8 -0.65 -7.90 4.73
N GLU A 2 1.97 4.51 -8.46
CA GLU A 2 0.96 3.48 -8.26
C GLU A 2 1.14 2.79 -6.92
N VAL A 3 1.68 3.52 -5.96
CA VAL A 3 1.91 2.98 -4.62
C VAL A 3 0.60 2.59 -3.96
N ASN A 4 0.70 1.88 -2.83
CA ASN A 4 -0.48 1.45 -2.09
C ASN A 4 -0.28 1.61 -0.59
N PRO A 5 -1.39 1.65 0.15
CA PRO A 5 -1.35 1.79 1.61
C PRO A 5 -0.80 0.55 2.31
N PRO A 6 -0.50 0.69 3.61
CA PRO A 6 0.03 -0.42 4.41
C PRO A 6 -1.00 -1.51 4.67
N VAL A 7 -0.97 -2.55 3.85
CA VAL A 7 -1.91 -3.65 3.99
C VAL A 7 -1.17 -4.99 4.12
N PRO A 8 -0.54 -5.20 5.28
CA PRO A 8 0.22 -6.42 5.56
C PRO A 8 -0.69 -7.64 5.73
N GLU A 2 1.77 1.84 -8.93
CA GLU A 2 2.04 2.94 -8.02
C GLU A 2 2.06 2.46 -6.57
N VAL A 3 2.38 3.37 -5.66
CA VAL A 3 2.44 3.04 -4.23
C VAL A 3 1.11 2.50 -3.75
N ASN A 4 1.04 2.16 -2.46
CA ASN A 4 -0.18 1.63 -1.86
C ASN A 4 -0.15 1.80 -0.34
N PRO A 5 -1.34 1.74 0.27
CA PRO A 5 -1.49 1.87 1.72
C PRO A 5 -0.93 0.67 2.48
N PRO A 6 -0.78 0.82 3.81
CA PRO A 6 -0.26 -0.25 4.66
C PRO A 6 -1.24 -1.42 4.81
N VAL A 7 -1.15 -2.37 3.88
CA VAL A 7 -2.02 -3.54 3.89
C VAL A 7 -1.21 -4.82 3.70
N PRO A 8 -0.44 -5.20 4.73
CA PRO A 8 0.37 -6.42 4.69
C PRO A 8 -0.46 -7.68 4.73
N GLU A 2 2.89 2.00 -8.53
CA GLU A 2 2.15 3.05 -7.85
C GLU A 2 2.16 2.83 -6.34
N VAL A 3 2.25 3.93 -5.59
CA VAL A 3 2.27 3.86 -4.14
C VAL A 3 0.93 3.37 -3.59
N ASN A 4 0.99 2.38 -2.70
CA ASN A 4 -0.21 1.82 -2.11
C ASN A 4 -0.20 1.97 -0.59
N PRO A 5 -1.39 1.89 0.03
CA PRO A 5 -1.53 2.01 1.48
C PRO A 5 -0.94 0.82 2.24
N PRO A 6 -0.80 0.98 3.56
CA PRO A 6 -0.25 -0.08 4.42
C PRO A 6 -1.19 -1.28 4.55
N VAL A 7 -1.03 -2.25 3.66
CA VAL A 7 -1.86 -3.45 3.68
C VAL A 7 -1.07 -4.68 3.27
N PRO A 8 -0.18 -5.14 4.16
CA PRO A 8 0.66 -6.32 3.90
C PRO A 8 -0.14 -7.61 3.90
N GLU A 2 3.37 2.80 -9.08
CA GLU A 2 2.18 3.20 -8.32
C GLU A 2 2.47 3.20 -6.82
N VAL A 3 1.48 3.62 -6.04
CA VAL A 3 1.62 3.67 -4.60
C VAL A 3 0.34 3.23 -3.90
N ASN A 4 0.48 2.46 -2.82
CA ASN A 4 -0.66 1.98 -2.07
C ASN A 4 -0.37 1.98 -0.57
N PRO A 5 -1.44 1.96 0.24
CA PRO A 5 -1.32 1.96 1.71
C PRO A 5 -0.77 0.64 2.24
N PRO A 6 -0.39 0.64 3.53
CA PRO A 6 0.16 -0.55 4.19
C PRO A 6 -0.89 -1.65 4.39
N VAL A 7 -0.83 -2.67 3.55
CA VAL A 7 -1.77 -3.78 3.64
C VAL A 7 -1.05 -5.11 3.77
N PRO A 8 -0.42 -5.33 4.94
CA PRO A 8 0.32 -6.56 5.22
C PRO A 8 -0.60 -7.77 5.36
N GLU A 2 1.95 4.16 -8.52
CA GLU A 2 1.07 3.07 -8.17
C GLU A 2 1.23 2.66 -6.71
N VAL A 3 1.60 3.63 -5.88
CA VAL A 3 1.80 3.38 -4.46
C VAL A 3 0.51 2.92 -3.81
N ASN A 4 0.63 2.25 -2.65
CA ASN A 4 -0.53 1.75 -1.93
C ASN A 4 -0.30 1.84 -0.43
N PRO A 5 -1.40 1.81 0.34
CA PRO A 5 -1.35 1.88 1.80
C PRO A 5 -0.76 0.62 2.43
N PRO A 6 -0.44 0.70 3.73
CA PRO A 6 0.13 -0.43 4.47
C PRO A 6 -0.88 -1.56 4.68
N VAL A 7 -1.01 -2.43 3.68
CA VAL A 7 -1.94 -3.56 3.76
C VAL A 7 -1.20 -4.88 3.63
N PRO A 8 -0.48 -5.26 4.69
CA PRO A 8 0.29 -6.51 4.72
C PRO A 8 -0.61 -7.74 4.78
N GLU A 2 2.55 2.78 -8.67
CA GLU A 2 1.27 3.06 -8.02
C GLU A 2 1.37 2.86 -6.51
N VAL A 3 1.72 3.93 -5.80
CA VAL A 3 1.85 3.87 -4.35
C VAL A 3 0.56 3.40 -3.70
N ASN A 4 0.65 2.37 -2.87
CA ASN A 4 -0.52 1.83 -2.18
C ASN A 4 -0.34 1.90 -0.67
N PRO A 5 -1.47 1.83 0.06
CA PRO A 5 -1.46 1.88 1.53
C PRO A 5 -0.85 0.64 2.14
N PRO A 6 -0.58 0.70 3.46
CA PRO A 6 0.00 -0.42 4.20
C PRO A 6 -0.98 -1.58 4.37
N VAL A 7 -0.88 -2.57 3.50
CA VAL A 7 -1.76 -3.73 3.55
C VAL A 7 -0.96 -5.01 3.76
N PRO A 8 -0.43 -5.19 4.98
CA PRO A 8 0.36 -6.37 5.33
C PRO A 8 -0.49 -7.64 5.40
N GLU A 2 3.61 1.51 -7.73
CA GLU A 2 2.31 2.11 -7.47
C GLU A 2 2.20 2.54 -6.01
N VAL A 3 1.36 3.55 -5.76
CA VAL A 3 1.16 4.06 -4.40
C VAL A 3 -0.07 3.43 -3.75
N ASN A 4 0.11 2.92 -2.54
CA ASN A 4 -0.99 2.29 -1.81
C ASN A 4 -0.73 2.31 -0.31
N PRO A 5 -1.80 2.16 0.48
CA PRO A 5 -1.71 2.16 1.94
C PRO A 5 -1.01 0.91 2.48
N PRO A 6 -0.66 0.95 3.78
CA PRO A 6 0.02 -0.18 4.44
C PRO A 6 -0.89 -1.38 4.61
N VAL A 7 -0.96 -2.22 3.59
CA VAL A 7 -1.79 -3.42 3.63
C VAL A 7 -1.07 -4.60 2.99
N PRO A 8 -0.08 -5.15 3.71
CA PRO A 8 0.70 -6.30 3.23
C PRO A 8 -0.12 -7.58 3.21
N GLU A 2 2.70 4.13 -9.32
CA GLU A 2 1.62 3.65 -8.47
C GLU A 2 2.07 3.53 -7.02
N VAL A 3 1.12 3.68 -6.10
CA VAL A 3 1.42 3.59 -4.67
C VAL A 3 0.16 3.26 -3.87
N ASN A 4 0.31 2.38 -2.88
CA ASN A 4 -0.81 1.99 -2.04
C ASN A 4 -0.40 1.93 -0.58
N PRO A 5 -1.39 1.99 0.32
CA PRO A 5 -1.16 1.94 1.77
C PRO A 5 -0.67 0.58 2.24
N PRO A 6 -0.19 0.52 3.49
CA PRO A 6 0.31 -0.72 4.09
C PRO A 6 -0.81 -1.73 4.37
N VAL A 7 -0.83 -2.81 3.59
CA VAL A 7 -1.84 -3.85 3.76
C VAL A 7 -1.20 -5.22 3.92
N PRO A 8 -0.57 -5.45 5.07
CA PRO A 8 0.10 -6.72 5.38
C PRO A 8 -0.90 -7.85 5.60
N GLU A 2 3.30 1.18 -7.16
CA GLU A 2 2.18 2.10 -7.14
C GLU A 2 1.90 2.59 -5.72
N VAL A 3 1.63 3.88 -5.59
CA VAL A 3 1.35 4.48 -4.28
C VAL A 3 0.10 3.87 -3.66
N ASN A 4 0.28 3.22 -2.51
CA ASN A 4 -0.84 2.58 -1.82
C ASN A 4 -0.55 2.47 -0.32
N PRO A 5 -1.61 2.31 0.48
CA PRO A 5 -1.50 2.18 1.93
C PRO A 5 -0.86 0.87 2.35
N PRO A 6 -0.48 0.78 3.64
CA PRO A 6 0.15 -0.42 4.19
C PRO A 6 -0.81 -1.60 4.29
N VAL A 7 -0.75 -2.49 3.31
CA VAL A 7 -1.62 -3.66 3.28
C VAL A 7 -0.82 -4.95 3.17
N PRO A 8 -0.13 -5.31 4.27
CA PRO A 8 0.71 -6.52 4.32
C PRO A 8 -0.14 -7.79 4.31
N GLU A 2 2.20 4.24 -8.45
CA GLU A 2 1.10 3.37 -8.06
C GLU A 2 1.26 2.89 -6.62
N VAL A 3 1.89 3.74 -5.79
CA VAL A 3 2.09 3.40 -4.39
C VAL A 3 0.79 3.04 -3.71
N ASN A 4 0.80 1.96 -2.93
CA ASN A 4 -0.38 1.51 -2.21
C ASN A 4 -0.22 1.69 -0.71
N PRO A 5 -1.35 1.71 0.01
CA PRO A 5 -1.36 1.87 1.46
C PRO A 5 -0.80 0.65 2.19
N PRO A 6 -0.53 0.80 3.50
CA PRO A 6 0.01 -0.27 4.33
C PRO A 6 -1.01 -1.39 4.57
N VAL A 7 -0.97 -2.41 3.72
CA VAL A 7 -1.89 -3.54 3.85
C VAL A 7 -1.13 -4.87 3.83
N PRO A 8 -0.44 -5.16 4.94
CA PRO A 8 0.33 -6.40 5.07
C PRO A 8 -0.56 -7.63 5.19
N GLU A 2 3.27 3.61 -9.09
CA GLU A 2 2.09 3.30 -8.29
C GLU A 2 2.39 3.42 -6.80
N VAL A 3 1.33 3.44 -6.00
CA VAL A 3 1.48 3.56 -4.55
C VAL A 3 0.21 3.11 -3.83
N ASN A 4 0.39 2.49 -2.66
CA ASN A 4 -0.74 2.01 -1.88
C ASN A 4 -0.40 2.00 -0.39
N PRO A 5 -1.45 1.98 0.46
CA PRO A 5 -1.29 1.97 1.91
C PRO A 5 -0.73 0.65 2.42
N PRO A 6 -0.31 0.64 3.69
CA PRO A 6 0.25 -0.56 4.33
C PRO A 6 -0.80 -1.64 4.56
N VAL A 7 -0.90 -2.56 3.61
CA VAL A 7 -1.87 -3.65 3.71
C VAL A 7 -1.18 -5.01 3.58
N PRO A 8 -0.43 -5.39 4.63
CA PRO A 8 0.30 -6.66 4.65
C PRO A 8 -0.64 -7.86 4.78
N GLU A 2 2.19 4.53 -8.48
CA GLU A 2 1.16 3.54 -8.21
C GLU A 2 1.33 2.95 -6.80
N VAL A 3 1.76 3.79 -5.88
CA VAL A 3 1.97 3.36 -4.50
C VAL A 3 0.65 2.93 -3.86
N ASN A 4 0.75 2.13 -2.80
CA ASN A 4 -0.43 1.64 -2.10
C ASN A 4 -0.26 1.75 -0.59
N PRO A 5 -1.38 1.74 0.14
CA PRO A 5 -1.38 1.84 1.59
C PRO A 5 -0.82 0.60 2.27
N PRO A 6 -0.54 0.70 3.57
CA PRO A 6 0.01 -0.41 4.36
C PRO A 6 -1.00 -1.53 4.57
N VAL A 7 -0.99 -2.50 3.65
CA VAL A 7 -1.91 -3.64 3.73
C VAL A 7 -1.14 -4.95 3.75
N PRO A 8 -0.46 -5.23 4.86
CA PRO A 8 0.32 -6.46 5.02
C PRO A 8 -0.56 -7.70 5.16
N GLU A 2 2.65 1.19 -8.39
CA GLU A 2 2.20 2.44 -7.79
C GLU A 2 2.13 2.32 -6.27
N VAL A 3 2.14 3.46 -5.59
CA VAL A 3 2.07 3.48 -4.14
C VAL A 3 0.80 2.81 -3.63
N ASN A 4 0.69 2.68 -2.32
CA ASN A 4 -0.48 2.05 -1.72
C ASN A 4 -0.42 2.13 -0.19
N PRO A 5 -1.57 1.97 0.46
CA PRO A 5 -1.68 2.02 1.93
C PRO A 5 -1.02 0.82 2.59
N PRO A 6 -0.84 0.90 3.92
CA PRO A 6 -0.23 -0.18 4.70
C PRO A 6 -1.14 -1.40 4.80
N VAL A 7 -1.09 -2.25 3.78
CA VAL A 7 -1.90 -3.46 3.75
C VAL A 7 -1.11 -4.64 3.22
N PRO A 8 -0.17 -5.14 4.03
CA PRO A 8 0.68 -6.28 3.65
C PRO A 8 -0.10 -7.59 3.60
N GLU A 2 1.97 3.95 -8.53
CA GLU A 2 1.20 2.78 -8.14
C GLU A 2 1.33 2.52 -6.64
N VAL A 3 1.56 3.59 -5.89
CA VAL A 3 1.71 3.49 -4.44
C VAL A 3 0.43 2.95 -3.79
N ASN A 4 0.53 2.58 -2.53
CA ASN A 4 -0.62 2.05 -1.80
C ASN A 4 -0.35 2.05 -0.29
N PRO A 5 -1.44 1.99 0.50
CA PRO A 5 -1.34 1.98 1.96
C PRO A 5 -0.75 0.69 2.51
N PRO A 6 -0.40 0.69 3.79
CA PRO A 6 0.18 -0.49 4.46
C PRO A 6 -0.84 -1.61 4.64
N VAL A 7 -0.98 -2.43 3.61
CA VAL A 7 -1.92 -3.55 3.65
C VAL A 7 -1.19 -4.88 3.47
N PRO A 8 -0.47 -5.31 4.51
CA PRO A 8 0.28 -6.56 4.50
C PRO A 8 -0.62 -7.78 4.51
#